data_4DTG
#
_entry.id   4DTG
#
_cell.length_a   65.010
_cell.length_b   125.640
_cell.length_c   202.340
_cell.angle_alpha   90.00
_cell.angle_beta   90.00
_cell.angle_gamma   90.00
#
_symmetry.space_group_name_H-M   'I 2 2 2'
#
loop_
_entity.id
_entity.type
_entity.pdbx_description
1 polymer 'Humanized recombinant FAB fragment, FAB 2021, of a murine antibody, light chain'
2 polymer 'Humanized recombinant FAB fragment, FAB 2021, of a murine antibody, heavy chain'
3 polymer 'Tissue factor pathway inhibitor'
4 non-polymer GLYCEROL
5 non-polymer '2-(N-MORPHOLINO)-ETHANESULFONIC ACID'
6 non-polymer 'TRIETHYLENE GLYCOL'
7 water water
#
loop_
_entity_poly.entity_id
_entity_poly.type
_entity_poly.pdbx_seq_one_letter_code
_entity_poly.pdbx_strand_id
1 'polypeptide(L)'
;DIVMTQTPLSLSVTPGQPASISCKSSQSLLESDGKTYLNWYLQKPGQSPQLLIYLVSILDSGVPDRFSGSGSGTDFTLKI
SRVEAEDVGVYYCLQATHFPQTFGGGTKVEIKRTVAAPSVFIFPPSDEQLKSGTASVVCLLNNFYPREAKVQWKVDNALQ
SGNSQESVTEQDSKDSTYSLSSTLTLSKADYEKHKVYACEVTHQGLSSPVTKSFNRGEC
;
L
2 'polypeptide(L)'
;EVQLVESGGGLVKPGGSLRLSCAASGFTFSNYAMSWVRQTPEKRLEWVATISRSGSYSYFPDSVQGRFTISRDNAKNSLY
LQMNSLRAEDTAVYYCARLGGYDEGDAMDSWGQGTTVTVSSASTKGPSVFPLAPCSRSTSESTAALGCLVKDYFPEPVTV
SWNSGALTSGVHTFPAVLQSSGLYSLSSVVTVPSSSLGTKTYTCNVDHKPSNTKVDKRVESK
;
H
3 'polypeptide(L)' QEKPDFCFLEEDPGICRGYITRYFYNNQTKQCERFKYGGCLGNMNNFETLEECKNICEDGHHHHHH K
#
# COMPACT_ATOMS: atom_id res chain seq x y z
N ASP A 1 4.71 -22.64 -9.44
CA ASP A 1 5.39 -21.65 -8.46
C ASP A 1 5.10 -22.10 -7.03
N ILE A 2 5.95 -21.70 -6.09
CA ILE A 2 5.70 -21.97 -4.66
C ILE A 2 4.51 -21.19 -4.06
N VAL A 3 3.59 -21.89 -3.40
CA VAL A 3 2.41 -21.26 -2.91
C VAL A 3 2.69 -21.08 -1.38
N MET A 4 2.46 -19.89 -0.90
CA MET A 4 2.67 -19.52 0.48
C MET A 4 1.31 -19.30 1.05
N THR A 5 0.93 -20.08 2.08
CA THR A 5 -0.40 -19.97 2.66
C THR A 5 -0.21 -19.41 4.13
N GLN A 6 -0.79 -18.26 4.38
CA GLN A 6 -0.77 -17.55 5.68
C GLN A 6 -2.10 -17.75 6.37
N THR A 7 -2.03 -18.01 7.66
CA THR A 7 -3.18 -18.02 8.47
CA THR A 7 -3.17 -18.14 8.53
C THR A 7 -2.80 -17.37 9.81
N PRO A 8 -3.78 -16.79 10.50
CA PRO A 8 -5.20 -16.62 10.09
C PRO A 8 -5.24 -15.51 9.06
N LEU A 9 -6.44 -15.26 8.49
CA LEU A 9 -6.59 -14.08 7.65
C LEU A 9 -6.56 -12.82 8.47
N SER A 10 -6.98 -12.91 9.71
CA SER A 10 -7.03 -11.71 10.49
C SER A 10 -7.10 -12.11 11.93
N LEU A 11 -6.75 -11.17 12.78
CA LEU A 11 -6.57 -11.46 14.20
C LEU A 11 -6.82 -10.20 14.89
N SER A 12 -7.40 -10.30 16.09
CA SER A 12 -7.61 -9.15 16.91
C SER A 12 -7.11 -9.38 18.34
N VAL A 13 -6.19 -8.53 18.79
CA VAL A 13 -5.32 -8.89 19.91
C VAL A 13 -5.48 -7.82 21.02
N THR A 14 -5.64 -8.27 22.24
CA THR A 14 -5.62 -7.31 23.38
C THR A 14 -4.25 -6.64 23.49
N PRO A 15 -4.18 -5.29 23.67
CA PRO A 15 -2.86 -4.62 23.88
C PRO A 15 -2.02 -5.22 25.03
N GLY A 16 -0.73 -5.36 24.78
CA GLY A 16 0.19 -6.12 25.62
C GLY A 16 0.15 -7.64 25.56
N GLN A 17 -0.81 -8.24 24.87
CA GLN A 17 -0.84 -9.69 24.77
C GLN A 17 -0.10 -10.10 23.49
N PRO A 18 0.41 -11.35 23.42
CA PRO A 18 1.16 -11.82 22.23
C PRO A 18 0.27 -12.15 21.02
N ALA A 19 0.87 -12.18 19.86
CA ALA A 19 0.15 -12.59 18.68
C ALA A 19 1.07 -13.47 17.85
N SER A 20 0.49 -14.37 17.07
CA SER A 20 1.27 -15.28 16.24
C SER A 20 0.62 -15.38 14.84
N ILE A 21 1.44 -15.43 13.78
CA ILE A 21 0.97 -15.49 12.40
C ILE A 21 1.78 -16.60 11.71
N SER A 22 1.09 -17.53 11.04
CA SER A 22 1.74 -18.71 10.42
CA SER A 22 1.80 -18.65 10.43
C SER A 22 1.93 -18.48 8.94
N CYS A 23 3.03 -18.94 8.39
CA CYS A 23 3.27 -18.95 6.89
C CYS A 23 3.74 -20.34 6.59
N LYS A 24 3.01 -20.97 5.66
CA LYS A 24 3.37 -22.32 5.24
C LYS A 24 3.68 -22.32 3.73
N SER A 25 4.75 -22.93 3.37
CA SER A 25 5.26 -22.95 1.89
C SER A 25 4.92 -24.30 1.28
N SER A 26 4.70 -24.39 -0.08
CA SER A 26 4.34 -25.68 -0.60
C SER A 26 5.54 -26.59 -0.85
N GLN A 27 6.76 -26.05 -0.86
CA GLN A 27 7.95 -26.87 -0.77
C GLN A 27 8.91 -26.27 0.17
N SER A 28 9.80 -27.13 0.64
CA SER A 28 10.89 -26.62 1.56
C SER A 28 11.61 -25.39 1.01
N LEU A 29 11.82 -24.43 1.86
CA LEU A 29 12.58 -23.20 1.60
C LEU A 29 14.09 -23.30 1.91
N LEU A 30 14.57 -24.46 2.34
CA LEU A 30 16.01 -24.64 2.66
C LEU A 30 16.87 -24.49 1.49
N GLU A 31 17.78 -23.52 1.48
CA GLU A 31 18.64 -23.32 0.33
C GLU A 31 20.01 -24.03 0.35
N SER A 32 20.70 -24.23 -0.82
CA SER A 32 21.92 -24.99 -0.92
C SER A 32 23.10 -24.36 -0.13
N ASP A 33 22.97 -23.14 0.36
CA ASP A 33 24.01 -22.55 1.31
C ASP A 33 23.62 -22.81 2.78
N GLY A 34 22.57 -23.57 3.02
CA GLY A 34 22.10 -23.83 4.43
C GLY A 34 21.28 -22.74 5.09
N LYS A 35 20.97 -21.64 4.37
CA LYS A 35 20.10 -20.67 4.87
C LYS A 35 18.72 -20.87 4.16
N THR A 36 17.81 -20.17 4.75
CA THR A 36 16.39 -20.24 4.45
C THR A 36 15.86 -18.86 4.14
N TYR A 37 15.38 -18.73 2.90
CA TYR A 37 15.03 -17.39 2.41
C TYR A 37 13.58 -17.11 2.58
N LEU A 38 13.19 -16.81 3.84
CA LEU A 38 11.83 -16.53 4.25
C LEU A 38 11.82 -15.16 5.02
N ASN A 39 10.96 -14.29 4.57
CA ASN A 39 10.95 -12.91 4.99
C ASN A 39 9.54 -12.47 5.35
N TRP A 40 9.49 -11.49 6.30
CA TRP A 40 8.24 -10.92 6.82
C TRP A 40 8.26 -9.48 6.56
N TYR A 41 7.15 -8.99 5.92
CA TYR A 41 6.78 -7.62 5.73
C TYR A 41 5.56 -7.15 6.47
N LEU A 42 5.61 -5.86 6.82
CA LEU A 42 4.50 -5.16 7.33
C LEU A 42 4.02 -4.00 6.43
N GLN A 43 2.76 -4.06 6.12
CA GLN A 43 2.10 -2.88 5.44
C GLN A 43 1.25 -2.17 6.47
N LYS A 44 1.73 -1.00 6.94
CA LYS A 44 1.03 -0.14 7.90
C LYS A 44 -0.07 0.67 7.11
N PRO A 45 -1.08 1.08 7.77
CA PRO A 45 -2.17 1.97 7.13
C PRO A 45 -1.62 3.12 6.29
N GLY A 46 -1.96 3.19 4.99
CA GLY A 46 -1.47 4.30 4.18
C GLY A 46 -0.02 4.28 3.71
N GLN A 47 0.67 3.15 3.92
CA GLN A 47 2.11 2.93 3.60
C GLN A 47 2.29 1.69 2.73
N SER A 48 3.44 1.61 2.08
CA SER A 48 3.77 0.49 1.29
CA SER A 48 3.79 0.44 1.30
C SER A 48 4.36 -0.59 2.30
N PRO A 49 4.35 -1.87 1.93
CA PRO A 49 5.06 -2.93 2.76
C PRO A 49 6.52 -2.53 3.07
N GLN A 50 6.94 -2.87 4.31
CA GLN A 50 8.28 -2.55 4.83
CA GLN A 50 8.37 -2.65 4.60
C GLN A 50 8.83 -3.89 5.40
N LEU A 51 10.12 -4.12 5.21
CA LEU A 51 10.82 -5.36 5.67
C LEU A 51 10.86 -5.34 7.16
N LEU A 52 10.42 -6.45 7.80
CA LEU A 52 10.60 -6.62 9.26
C LEU A 52 11.72 -7.62 9.56
N ILE A 53 11.74 -8.78 8.90
CA ILE A 53 12.56 -9.99 9.29
C ILE A 53 12.98 -10.68 7.99
N TYR A 54 14.24 -11.02 7.86
CA TYR A 54 14.73 -11.81 6.69
C TYR A 54 15.51 -13.04 7.24
N LEU A 55 15.85 -14.01 6.34
CA LEU A 55 16.47 -15.29 6.76
C LEU A 55 15.80 -15.85 7.99
N VAL A 56 14.45 -15.86 7.99
CA VAL A 56 13.56 -16.53 8.97
C VAL A 56 13.51 -15.73 10.33
N SER A 57 14.65 -15.28 10.82
CA SER A 57 14.60 -14.91 12.26
C SER A 57 15.42 -13.61 12.39
N ILE A 58 15.96 -13.06 11.30
CA ILE A 58 16.82 -11.84 11.48
C ILE A 58 16.12 -10.55 11.42
N LEU A 59 16.06 -9.78 12.52
CA LEU A 59 15.40 -8.48 12.48
C LEU A 59 16.08 -7.41 11.60
N ASP A 60 15.32 -6.69 10.75
CA ASP A 60 15.91 -5.54 10.13
C ASP A 60 16.20 -4.42 11.09
N SER A 61 17.17 -3.59 10.73
CA SER A 61 17.48 -2.34 11.47
C SER A 61 16.26 -1.61 11.91
N GLY A 62 16.11 -1.31 13.20
CA GLY A 62 15.03 -0.43 13.62
C GLY A 62 13.73 -1.10 13.92
N VAL A 63 13.62 -2.38 13.60
CA VAL A 63 12.46 -3.18 14.00
C VAL A 63 12.52 -3.49 15.49
N PRO A 64 11.40 -3.21 16.24
CA PRO A 64 11.38 -3.43 17.68
C PRO A 64 11.57 -4.90 18.04
N ASP A 65 12.16 -5.14 19.19
CA ASP A 65 12.57 -6.48 19.52
C ASP A 65 11.41 -7.30 20.09
N ARG A 66 10.24 -6.66 20.21
CA ARG A 66 8.95 -7.40 20.33
C ARG A 66 8.72 -8.44 19.24
N PHE A 67 9.24 -8.19 18.08
CA PHE A 67 9.00 -9.11 16.95
C PHE A 67 10.06 -10.20 16.93
N SER A 68 9.66 -11.45 16.64
CA SER A 68 10.62 -12.51 16.33
C SER A 68 9.99 -13.47 15.29
N GLY A 69 10.88 -14.12 14.60
CA GLY A 69 10.64 -15.10 13.50
C GLY A 69 11.21 -16.45 13.88
N SER A 70 10.51 -17.56 13.49
CA SER A 70 11.10 -18.90 13.71
C SER A 70 10.55 -19.78 12.63
N GLY A 71 11.00 -21.01 12.66
CA GLY A 71 10.60 -22.14 11.79
C GLY A 71 11.63 -22.58 10.78
N SER A 72 11.31 -23.61 9.99
CA SER A 72 12.18 -24.07 8.99
C SER A 72 11.46 -25.03 8.07
N GLY A 73 12.05 -25.24 6.87
CA GLY A 73 11.60 -26.25 5.88
C GLY A 73 10.39 -25.59 5.27
N THR A 74 9.22 -26.01 5.64
CA THR A 74 7.89 -25.46 5.12
C THR A 74 6.99 -24.70 6.12
N ASP A 75 7.43 -24.53 7.37
CA ASP A 75 6.55 -24.06 8.39
C ASP A 75 7.23 -22.90 9.20
N PHE A 76 6.63 -21.72 9.17
CA PHE A 76 7.23 -20.43 9.67
C PHE A 76 6.29 -19.67 10.54
N THR A 77 6.86 -18.84 11.41
CA THR A 77 6.00 -18.29 12.47
C THR A 77 6.49 -16.91 12.84
N LEU A 78 5.68 -15.87 12.60
CA LEU A 78 5.97 -14.52 13.13
C LEU A 78 5.31 -14.36 14.50
N LYS A 79 6.07 -13.96 15.49
CA LYS A 79 5.51 -13.68 16.87
C LYS A 79 5.73 -12.22 17.29
N ILE A 80 4.69 -11.64 17.97
CA ILE A 80 4.77 -10.27 18.53
C ILE A 80 4.62 -10.59 20.02
N SER A 81 5.66 -10.36 20.81
CA SER A 81 5.55 -10.74 22.27
C SER A 81 4.47 -10.01 23.03
N ARG A 82 4.37 -8.69 22.83
CA ARG A 82 3.36 -7.86 23.49
CA ARG A 82 3.31 -7.91 23.45
C ARG A 82 2.87 -6.85 22.48
N VAL A 83 1.62 -6.98 22.04
CA VAL A 83 1.24 -6.15 20.87
C VAL A 83 0.97 -4.67 21.27
N GLU A 84 1.43 -3.74 20.44
CA GLU A 84 1.17 -2.30 20.66
C GLU A 84 0.41 -1.70 19.48
N ALA A 85 -0.13 -0.49 19.70
CA ALA A 85 -0.89 0.30 18.71
C ALA A 85 -0.20 0.42 17.36
N GLU A 86 1.12 0.63 17.39
CA GLU A 86 1.88 0.81 16.16
C GLU A 86 1.99 -0.44 15.28
N ASP A 87 1.62 -1.61 15.80
CA ASP A 87 1.80 -2.84 15.05
C ASP A 87 0.64 -3.19 14.09
N VAL A 88 -0.38 -2.34 14.02
CA VAL A 88 -1.58 -2.71 13.27
C VAL A 88 -1.24 -2.65 11.77
N GLY A 89 -1.89 -3.48 10.97
CA GLY A 89 -1.59 -3.51 9.55
C GLY A 89 -1.70 -4.87 9.02
N VAL A 90 -1.32 -5.05 7.75
CA VAL A 90 -1.33 -6.35 7.08
C VAL A 90 0.15 -6.84 7.00
N TYR A 91 0.35 -8.05 7.52
CA TYR A 91 1.65 -8.73 7.48
C TYR A 91 1.63 -9.74 6.36
N TYR A 92 2.70 -9.71 5.54
CA TYR A 92 3.01 -10.70 4.49
C TYR A 92 4.34 -11.44 4.68
N CYS A 93 4.29 -12.69 4.27
CA CYS A 93 5.48 -13.41 4.02
C CYS A 93 5.90 -13.50 2.62
N LEU A 94 7.19 -13.66 2.42
CA LEU A 94 7.83 -13.86 1.06
C LEU A 94 8.82 -14.88 1.09
N GLN A 95 8.81 -15.79 0.11
CA GLN A 95 9.93 -16.70 0.02
C GLN A 95 10.68 -16.33 -1.19
N ALA A 96 11.98 -16.47 -1.06
CA ALA A 96 12.87 -16.24 -2.19
C ALA A 96 13.88 -17.39 -2.45
N THR A 97 13.64 -18.62 -1.95
CA THR A 97 14.60 -19.70 -2.21
C THR A 97 14.40 -20.06 -3.73
N HIS A 98 13.13 -20.01 -4.17
CA HIS A 98 12.80 -20.66 -5.48
C HIS A 98 12.37 -19.51 -6.38
N PHE A 99 12.60 -19.66 -7.70
CA PHE A 99 12.12 -18.68 -8.62
C PHE A 99 10.68 -19.10 -9.09
N PRO A 100 9.74 -18.09 -9.27
CA PRO A 100 9.98 -16.73 -9.01
C PRO A 100 9.77 -16.61 -7.44
N GLN A 101 10.40 -15.65 -6.74
CA GLN A 101 9.98 -15.34 -5.31
C GLN A 101 8.46 -15.04 -5.17
N THR A 102 7.77 -15.46 -4.09
CA THR A 102 6.29 -15.42 -4.10
C THR A 102 5.83 -15.07 -2.70
N PHE A 103 4.78 -14.30 -2.66
CA PHE A 103 4.19 -13.78 -1.35
C PHE A 103 3.14 -14.63 -0.79
N GLY A 104 3.02 -14.62 0.55
CA GLY A 104 1.79 -14.90 1.18
C GLY A 104 0.57 -13.97 0.89
N GLY A 105 -0.63 -14.43 1.18
CA GLY A 105 -1.87 -13.58 0.91
C GLY A 105 -2.14 -12.50 1.97
N GLY A 106 -1.33 -12.42 3.00
CA GLY A 106 -1.51 -11.44 4.09
C GLY A 106 -2.37 -11.85 5.26
N THR A 107 -2.12 -11.15 6.38
CA THR A 107 -2.86 -11.39 7.63
C THR A 107 -3.09 -10.02 8.28
N LYS A 108 -4.36 -9.58 8.43
CA LYS A 108 -4.61 -8.29 9.00
C LYS A 108 -4.59 -8.39 10.53
N VAL A 109 -3.88 -7.49 11.14
CA VAL A 109 -3.86 -7.37 12.61
C VAL A 109 -4.55 -6.16 13.14
N GLU A 110 -5.57 -6.39 13.97
CA GLU A 110 -6.25 -5.40 14.73
C GLU A 110 -5.91 -5.42 16.22
N ILE A 111 -5.72 -4.25 16.79
CA ILE A 111 -5.52 -4.19 18.23
C ILE A 111 -6.80 -3.78 18.96
N LYS A 112 -7.11 -4.40 20.10
CA LYS A 112 -8.19 -3.99 20.98
C LYS A 112 -7.89 -2.67 21.73
N ARG A 113 -8.92 -1.87 22.00
CA ARG A 113 -8.84 -0.62 22.84
C ARG A 113 -10.10 -0.42 23.63
N THR A 114 -10.07 0.53 24.56
CA THR A 114 -11.31 0.80 25.29
C THR A 114 -12.38 1.26 24.29
N VAL A 115 -13.62 0.91 24.57
CA VAL A 115 -14.75 1.31 23.69
C VAL A 115 -14.73 2.83 23.64
N ALA A 116 -14.87 3.32 22.41
CA ALA A 116 -14.90 4.74 22.13
C ALA A 116 -16.07 5.01 21.23
N ALA A 117 -16.99 5.83 21.71
CA ALA A 117 -18.12 6.29 20.92
C ALA A 117 -17.70 7.22 19.77
N PRO A 118 -18.33 7.06 18.62
CA PRO A 118 -18.03 8.00 17.57
C PRO A 118 -18.51 9.44 17.84
N SER A 119 -17.93 10.41 17.15
CA SER A 119 -18.44 11.81 17.08
C SER A 119 -19.13 11.88 15.75
N VAL A 120 -20.39 12.30 15.70
CA VAL A 120 -21.17 12.18 14.48
C VAL A 120 -21.45 13.58 13.92
N PHE A 121 -21.35 13.75 12.59
CA PHE A 121 -21.52 15.03 11.97
C PHE A 121 -22.25 14.77 10.71
N ILE A 122 -23.23 15.64 10.35
CA ILE A 122 -23.93 15.55 9.07
C ILE A 122 -23.69 16.78 8.18
N PHE A 123 -23.50 16.58 6.88
CA PHE A 123 -23.25 17.69 6.01
C PHE A 123 -24.35 17.71 4.97
N PRO A 124 -24.96 18.89 4.74
CA PRO A 124 -25.91 18.94 3.65
C PRO A 124 -25.18 18.95 2.32
N PRO A 125 -25.91 18.75 1.23
CA PRO A 125 -25.31 18.97 -0.09
C PRO A 125 -25.04 20.45 -0.33
N SER A 126 -23.96 20.72 -1.05
CA SER A 126 -23.62 22.05 -1.50
C SER A 126 -24.59 22.55 -2.61
N ASP A 127 -24.84 23.88 -2.59
CA ASP A 127 -25.60 24.55 -3.60
C ASP A 127 -24.90 24.32 -4.91
N GLU A 128 -23.57 24.26 -4.86
CA GLU A 128 -22.78 24.01 -6.05
C GLU A 128 -23.11 22.66 -6.68
N GLN A 129 -23.21 21.60 -5.87
CA GLN A 129 -23.62 20.32 -6.43
C GLN A 129 -25.10 20.36 -6.93
N LEU A 130 -25.95 20.92 -6.10
CA LEU A 130 -27.41 20.92 -6.43
C LEU A 130 -27.68 21.47 -7.83
N LYS A 131 -26.85 22.40 -8.31
CA LYS A 131 -27.07 22.99 -9.64
C LYS A 131 -26.99 21.99 -10.79
N SER A 132 -26.26 20.89 -10.60
CA SER A 132 -26.06 19.89 -11.66
C SER A 132 -27.06 18.75 -11.49
N GLY A 133 -27.90 18.85 -10.46
CA GLY A 133 -29.10 17.99 -10.36
C GLY A 133 -28.95 16.77 -9.48
N THR A 134 -27.88 16.73 -8.64
CA THR A 134 -27.63 15.65 -7.65
C THR A 134 -27.44 16.26 -6.27
N ALA A 135 -27.96 15.57 -5.24
CA ALA A 135 -27.81 15.93 -3.84
C ALA A 135 -27.08 14.78 -3.08
N SER A 136 -25.84 15.01 -2.68
CA SER A 136 -25.13 14.05 -1.84
C SER A 136 -25.15 14.57 -0.42
N VAL A 137 -25.70 13.74 0.44
CA VAL A 137 -25.76 14.06 1.84
C VAL A 137 -24.73 13.10 2.51
N VAL A 138 -23.93 13.63 3.41
CA VAL A 138 -22.77 12.82 3.96
C VAL A 138 -22.86 12.79 5.49
N CYS A 139 -22.62 11.61 6.11
CA CYS A 139 -22.65 11.48 7.53
C CYS A 139 -21.25 10.94 7.94
N LEU A 140 -20.62 11.57 8.96
CA LEU A 140 -19.29 11.19 9.40
C LEU A 140 -19.32 10.61 10.81
N LEU A 141 -18.64 9.46 11.06
CA LEU A 141 -18.60 8.87 12.36
C LEU A 141 -17.10 8.84 12.63
N ASN A 142 -16.67 9.53 13.65
CA ASN A 142 -15.26 9.81 13.77
C ASN A 142 -14.65 9.16 14.98
N ASN A 143 -13.50 8.48 14.75
CA ASN A 143 -12.73 7.91 15.81
C ASN A 143 -13.46 7.03 16.76
N PHE A 144 -14.00 5.96 16.24
CA PHE A 144 -14.69 5.00 17.15
C PHE A 144 -13.99 3.64 17.30
N TYR A 145 -14.41 2.91 18.31
CA TYR A 145 -13.97 1.55 18.54
C TYR A 145 -15.03 0.81 19.38
N PRO A 146 -15.49 -0.40 18.98
CA PRO A 146 -15.04 -1.28 17.91
C PRO A 146 -15.59 -0.95 16.55
N ARG A 147 -15.13 -1.71 15.56
CA ARG A 147 -15.47 -1.50 14.16
CA ARG A 147 -15.46 -1.38 14.21
C ARG A 147 -16.96 -1.48 13.88
N GLU A 148 -17.73 -2.33 14.59
CA GLU A 148 -19.17 -2.49 14.21
C GLU A 148 -20.00 -1.19 14.42
N ALA A 149 -20.59 -0.64 13.40
CA ALA A 149 -21.29 0.62 13.58
C ALA A 149 -22.42 0.56 12.60
N LYS A 150 -23.57 1.15 12.98
CA LYS A 150 -24.71 1.12 12.10
C LYS A 150 -25.17 2.56 11.85
N VAL A 151 -25.20 2.93 10.57
CA VAL A 151 -25.81 4.17 10.06
C VAL A 151 -27.16 3.93 9.43
N GLN A 152 -28.15 4.61 9.99
CA GLN A 152 -29.50 4.58 9.41
C GLN A 152 -29.91 5.99 8.86
N TRP A 153 -29.95 6.18 7.55
CA TRP A 153 -30.47 7.42 6.89
C TRP A 153 -31.98 7.46 6.97
N LYS A 154 -32.53 8.65 7.28
CA LYS A 154 -33.96 8.87 7.37
C LYS A 154 -34.23 10.20 6.67
N VAL A 155 -35.26 10.22 5.82
CA VAL A 155 -35.63 11.41 5.12
C VAL A 155 -37.12 11.60 5.48
N ASP A 156 -37.38 12.69 6.20
CA ASP A 156 -38.62 12.88 6.93
C ASP A 156 -39.13 11.61 7.54
N ASN A 157 -38.29 11.01 8.36
CA ASN A 157 -38.53 9.69 8.95
C ASN A 157 -38.88 8.48 8.05
N ALA A 158 -38.63 8.55 6.74
CA ALA A 158 -38.73 7.32 5.95
C ALA A 158 -37.34 6.74 5.95
N LEU A 159 -37.20 5.56 6.58
CA LEU A 159 -35.87 4.90 6.68
C LEU A 159 -35.41 4.50 5.26
N GLN A 160 -34.18 4.85 4.94
CA GLN A 160 -33.67 4.65 3.63
C GLN A 160 -32.76 3.41 3.63
N SER A 161 -32.83 2.62 2.54
CA SER A 161 -31.92 1.51 2.31
C SER A 161 -31.66 1.41 0.79
N GLY A 162 -30.43 1.06 0.35
CA GLY A 162 -30.09 0.75 -1.09
C GLY A 162 -29.66 2.00 -1.84
N ASN A 163 -29.57 3.03 -1.03
CA ASN A 163 -29.57 4.38 -1.40
CA ASN A 163 -29.52 4.40 -1.52
C ASN A 163 -28.28 5.15 -1.09
N SER A 164 -27.37 4.44 -0.39
CA SER A 164 -26.19 5.02 0.18
C SER A 164 -25.00 4.11 -0.03
N GLN A 165 -23.85 4.72 0.11
CA GLN A 165 -22.56 3.93 0.17
C GLN A 165 -21.76 4.38 1.33
N GLU A 166 -20.94 3.48 1.89
CA GLU A 166 -20.09 3.96 2.94
C GLU A 166 -18.64 3.42 2.83
N SER A 167 -17.75 4.09 3.48
CA SER A 167 -16.42 3.46 3.65
C SER A 167 -15.80 3.72 5.02
N VAL A 168 -14.75 2.92 5.36
CA VAL A 168 -14.19 2.94 6.71
C VAL A 168 -12.64 3.05 6.55
N THR A 169 -11.98 3.90 7.31
CA THR A 169 -10.53 4.02 7.22
C THR A 169 -10.00 2.74 7.89
N GLU A 170 -8.68 2.59 7.89
CA GLU A 170 -8.00 1.42 8.41
C GLU A 170 -7.77 1.80 9.84
N GLN A 171 -7.78 0.84 10.70
CA GLN A 171 -7.57 1.20 12.07
C GLN A 171 -6.35 2.10 12.17
N ASP A 172 -6.48 3.16 12.97
CA ASP A 172 -5.43 4.13 13.14
C ASP A 172 -4.21 3.62 13.95
N SER A 173 -3.00 3.91 13.51
CA SER A 173 -1.79 3.35 14.16
C SER A 173 -1.52 3.99 15.52
N LYS A 174 -2.07 5.19 15.77
CA LYS A 174 -1.73 5.90 17.03
C LYS A 174 -2.84 5.79 18.04
N ASP A 175 -4.11 5.96 17.62
CA ASP A 175 -5.16 5.88 18.63
C ASP A 175 -6.06 4.61 18.62
N SER A 176 -5.83 3.73 17.63
CA SER A 176 -6.57 2.48 17.49
C SER A 176 -8.05 2.57 17.13
N THR A 177 -8.46 3.66 16.44
CA THR A 177 -9.86 3.84 16.16
C THR A 177 -10.08 3.76 14.69
N TYR A 178 -11.37 3.71 14.33
CA TYR A 178 -11.83 3.73 12.98
C TYR A 178 -12.68 4.96 12.84
N SER A 179 -12.91 5.34 11.60
CA SER A 179 -13.82 6.46 11.19
C SER A 179 -14.53 5.98 9.97
N LEU A 180 -15.71 6.57 9.64
CA LEU A 180 -16.56 5.99 8.60
C LEU A 180 -17.29 7.16 7.97
N SER A 181 -17.37 7.21 6.64
CA SER A 181 -18.21 8.25 5.93
C SER A 181 -19.28 7.50 5.17
N SER A 182 -20.53 8.00 5.17
CA SER A 182 -21.56 7.31 4.45
C SER A 182 -22.21 8.43 3.62
N THR A 183 -22.41 8.17 2.36
CA THR A 183 -23.16 9.13 1.45
C THR A 183 -24.51 8.61 0.96
N LEU A 184 -25.56 9.47 1.10
CA LEU A 184 -26.92 9.17 0.64
C LEU A 184 -27.10 9.98 -0.66
N THR A 185 -27.35 9.31 -1.77
CA THR A 185 -27.49 10.07 -2.97
C THR A 185 -28.99 10.17 -3.38
N LEU A 186 -29.43 11.39 -3.60
CA LEU A 186 -30.81 11.65 -4.16
C LEU A 186 -30.78 12.51 -5.42
N SER A 187 -31.82 12.46 -6.27
CA SER A 187 -31.87 13.48 -7.35
C SER A 187 -32.19 14.86 -6.71
N LYS A 188 -31.83 15.96 -7.39
CA LYS A 188 -32.21 17.26 -6.86
C LYS A 188 -33.77 17.34 -6.73
N ALA A 189 -34.50 16.87 -7.74
CA ALA A 189 -35.99 16.88 -7.67
C ALA A 189 -36.57 16.22 -6.41
N ASP A 190 -36.04 15.03 -6.08
CA ASP A 190 -36.41 14.30 -4.88
C ASP A 190 -35.95 15.04 -3.63
N TYR A 191 -34.68 15.49 -3.60
CA TYR A 191 -34.16 16.25 -2.46
C TYR A 191 -35.03 17.49 -2.13
N GLU A 192 -35.38 18.26 -3.15
CA GLU A 192 -36.37 19.36 -3.06
C GLU A 192 -37.76 19.05 -2.45
N LYS A 193 -38.16 17.77 -2.33
CA LYS A 193 -39.48 17.43 -1.82
C LYS A 193 -39.58 17.12 -0.32
N HIS A 194 -38.44 17.10 0.36
CA HIS A 194 -38.34 16.66 1.72
C HIS A 194 -37.64 17.69 2.60
N LYS A 195 -37.95 17.66 3.89
CA LYS A 195 -37.43 18.62 4.86
C LYS A 195 -36.32 18.10 5.78
N VAL A 196 -36.58 17.01 6.52
CA VAL A 196 -35.70 16.56 7.58
C VAL A 196 -34.76 15.42 7.14
N TYR A 197 -33.46 15.74 7.04
CA TYR A 197 -32.47 14.80 6.59
C TYR A 197 -31.68 14.33 7.82
N ALA A 198 -31.68 13.04 8.08
CA ALA A 198 -31.12 12.60 9.32
C ALA A 198 -30.28 11.34 9.20
N CYS A 199 -29.17 11.35 9.94
CA CYS A 199 -28.32 10.16 10.05
C CYS A 199 -28.45 9.67 11.48
N GLU A 200 -28.89 8.43 11.69
CA GLU A 200 -29.00 7.83 13.03
C GLU A 200 -27.89 6.77 13.22
N VAL A 201 -27.17 6.83 14.33
CA VAL A 201 -25.98 5.99 14.58
C VAL A 201 -26.16 5.07 15.81
N THR A 202 -25.84 3.78 15.61
CA THR A 202 -25.94 2.81 16.67
C THR A 202 -24.50 2.28 16.84
N HIS A 203 -24.05 2.17 18.07
CA HIS A 203 -22.68 1.74 18.37
C HIS A 203 -22.60 1.37 19.81
N GLN A 204 -21.73 0.36 20.11
CA GLN A 204 -21.62 -0.14 21.46
C GLN A 204 -21.32 0.99 22.43
N GLY A 205 -20.62 2.03 21.97
CA GLY A 205 -20.22 3.12 22.90
C GLY A 205 -21.31 4.15 23.28
N LEU A 206 -22.47 4.05 22.62
CA LEU A 206 -23.66 4.92 22.79
C LEU A 206 -24.79 4.15 23.51
N SER A 207 -25.17 4.58 24.73
CA SER A 207 -26.25 3.91 25.44
C SER A 207 -27.58 3.86 24.65
N SER A 208 -27.75 4.74 23.67
CA SER A 208 -28.83 4.58 22.73
C SER A 208 -28.49 5.40 21.48
N PRO A 209 -29.16 5.09 20.34
CA PRO A 209 -28.79 5.74 19.09
C PRO A 209 -28.69 7.26 19.13
N VAL A 210 -27.70 7.79 18.43
CA VAL A 210 -27.50 9.23 18.37
C VAL A 210 -27.94 9.62 16.98
N THR A 211 -28.78 10.66 16.89
CA THR A 211 -29.23 11.22 15.63
C THR A 211 -28.69 12.63 15.38
N LYS A 212 -28.14 12.84 14.18
CA LYS A 212 -27.81 14.21 13.67
C LYS A 212 -28.66 14.52 12.43
N SER A 213 -29.32 15.69 12.40
CA SER A 213 -30.13 16.07 11.27
C SER A 213 -30.00 17.54 10.90
N PHE A 214 -30.45 17.93 9.72
CA PHE A 214 -30.73 19.36 9.38
C PHE A 214 -32.06 19.43 8.64
N ASN A 215 -32.65 20.64 8.56
CA ASN A 215 -33.84 20.87 7.73
C ASN A 215 -33.44 21.59 6.46
N ARG A 216 -33.74 20.98 5.34
CA ARG A 216 -33.40 21.58 4.07
C ARG A 216 -33.93 23.02 4.01
N GLY A 217 -33.21 23.87 3.28
CA GLY A 217 -33.70 25.23 3.09
C GLY A 217 -33.42 26.15 4.26
N GLU A 218 -33.13 25.56 5.43
CA GLU A 218 -32.65 26.30 6.60
C GLU A 218 -31.14 26.31 6.59
N CYS A 219 -30.58 25.94 5.44
CA CYS A 219 -29.16 26.06 5.17
C CYS A 219 -28.92 27.28 4.28
N GLU B 1 17.84 6.17 4.93
CA GLU B 1 17.49 7.53 4.32
C GLU B 1 17.49 7.39 2.80
N VAL B 2 17.53 6.14 2.47
CA VAL B 2 17.16 5.65 1.22
C VAL B 2 15.70 6.13 0.89
N GLN B 3 15.47 6.58 -0.33
CA GLN B 3 14.09 6.91 -0.77
C GLN B 3 13.96 6.48 -2.25
N LEU B 4 12.83 5.87 -2.63
CA LEU B 4 12.60 5.41 -3.98
C LEU B 4 11.27 6.09 -4.30
N VAL B 5 11.14 6.69 -5.50
CA VAL B 5 9.94 7.56 -5.79
C VAL B 5 9.46 7.19 -7.25
N GLU B 6 8.32 6.50 -7.35
CA GLU B 6 7.87 5.85 -8.62
C GLU B 6 7.02 6.98 -9.14
N SER B 7 6.95 7.03 -10.44
CA SER B 7 6.07 7.98 -11.10
C SER B 7 5.66 7.33 -12.45
N GLY B 8 4.66 7.93 -13.15
CA GLY B 8 4.45 7.37 -14.47
C GLY B 8 3.12 6.56 -14.61
N GLY B 9 2.41 6.29 -13.52
CA GLY B 9 1.17 5.52 -13.63
C GLY B 9 0.05 6.34 -14.34
N GLY B 10 -1.00 5.67 -14.77
CA GLY B 10 -2.21 6.37 -15.44
C GLY B 10 -3.11 5.30 -16.02
N LEU B 11 -4.06 5.75 -16.84
CA LEU B 11 -4.95 4.86 -17.45
C LEU B 11 -4.25 4.45 -18.72
N VAL B 12 -4.32 3.22 -19.11
CA VAL B 12 -3.86 2.76 -20.43
C VAL B 12 -4.91 1.76 -21.00
N LYS B 13 -5.07 1.87 -22.34
CA LYS B 13 -6.02 0.93 -23.00
C LYS B 13 -5.47 -0.47 -23.11
N PRO B 14 -6.33 -1.48 -23.04
CA PRO B 14 -5.79 -2.82 -23.17
C PRO B 14 -4.95 -3.03 -24.43
N GLY B 15 -3.93 -3.84 -24.40
CA GLY B 15 -2.84 -3.93 -25.41
C GLY B 15 -1.95 -2.73 -25.65
N GLY B 16 -2.17 -1.70 -24.88
CA GLY B 16 -1.35 -0.49 -25.00
C GLY B 16 -0.07 -0.52 -24.20
N SER B 17 0.72 0.57 -24.27
CA SER B 17 2.04 0.59 -23.50
C SER B 17 2.13 1.72 -22.48
N LEU B 18 3.08 1.60 -21.50
CA LEU B 18 3.27 2.68 -20.56
C LEU B 18 4.69 2.50 -19.95
N ARG B 19 5.43 3.62 -19.77
CA ARG B 19 6.73 3.51 -19.03
C ARG B 19 6.53 4.08 -17.62
N LEU B 20 7.02 3.29 -16.67
CA LEU B 20 7.19 3.79 -15.25
C LEU B 20 8.66 4.07 -14.85
N SER B 21 8.83 5.09 -14.01
CA SER B 21 10.16 5.55 -13.67
C SER B 21 10.30 5.34 -12.18
N CYS B 22 11.54 5.12 -11.74
CA CYS B 22 11.73 5.10 -10.29
C CYS B 22 12.95 6.07 -10.09
N ALA B 23 12.91 7.02 -9.13
CA ALA B 23 14.02 7.91 -8.92
C ALA B 23 14.61 7.48 -7.53
N ALA B 24 15.84 7.06 -7.53
CA ALA B 24 16.43 6.60 -6.23
C ALA B 24 17.36 7.64 -5.61
N SER B 25 17.38 7.77 -4.27
CA SER B 25 18.19 8.73 -3.60
C SER B 25 18.66 8.07 -2.27
N GLY B 26 19.82 8.54 -1.85
CA GLY B 26 20.28 8.27 -0.48
C GLY B 26 21.19 7.10 -0.30
N PHE B 27 21.67 6.45 -1.38
CA PHE B 27 22.57 5.29 -1.27
C PHE B 27 23.32 5.22 -2.69
N THR B 28 24.36 4.42 -2.76
CA THR B 28 25.16 4.23 -4.01
C THR B 28 24.34 3.30 -4.87
N PHE B 29 23.55 3.89 -5.79
CA PHE B 29 22.57 3.12 -6.54
C PHE B 29 23.14 1.91 -7.29
N SER B 30 24.24 2.13 -7.95
CA SER B 30 24.85 1.05 -8.82
C SER B 30 25.40 -0.11 -7.95
N ASN B 31 25.37 0.06 -6.57
CA ASN B 31 25.77 -1.11 -5.79
C ASN B 31 24.66 -2.10 -5.62
N TYR B 32 23.42 -1.80 -6.16
CA TYR B 32 22.37 -2.69 -5.81
C TYR B 32 21.60 -3.11 -7.11
N ALA B 33 21.22 -4.38 -7.19
CA ALA B 33 20.10 -4.73 -8.10
C ALA B 33 18.79 -4.03 -7.66
N MET B 34 17.86 -3.84 -8.59
CA MET B 34 16.65 -3.12 -8.18
C MET B 34 15.44 -3.86 -8.83
N SER B 35 14.29 -3.73 -8.14
CA SER B 35 13.11 -4.57 -8.30
C SER B 35 11.85 -3.71 -8.43
N TRP B 36 10.86 -4.37 -9.04
CA TRP B 36 9.50 -3.88 -9.05
C TRP B 36 8.61 -5.02 -8.52
N VAL B 37 7.69 -4.64 -7.65
CA VAL B 37 6.67 -5.49 -7.05
C VAL B 37 5.26 -4.75 -7.32
N ARG B 38 4.22 -5.49 -7.65
CA ARG B 38 2.93 -4.90 -7.76
C ARG B 38 1.90 -5.47 -6.77
N GLN B 39 0.86 -4.66 -6.50
CA GLN B 39 -0.18 -4.97 -5.57
C GLN B 39 -1.51 -4.75 -6.28
N THR B 40 -2.18 -5.88 -6.49
CA THR B 40 -3.54 -5.86 -7.07
C THR B 40 -4.58 -5.25 -6.19
N PRO B 41 -5.73 -4.87 -6.78
CA PRO B 41 -6.82 -4.39 -5.98
C PRO B 41 -7.31 -5.38 -4.92
N GLU B 42 -7.09 -6.67 -5.06
CA GLU B 42 -7.54 -7.63 -4.13
C GLU B 42 -6.38 -7.68 -3.05
N LYS B 43 -5.35 -6.85 -3.21
CA LYS B 43 -4.25 -6.62 -2.26
C LYS B 43 -3.27 -7.79 -2.28
N ARG B 44 -3.30 -8.61 -3.36
CA ARG B 44 -2.23 -9.60 -3.61
C ARG B 44 -0.92 -8.94 -4.04
N LEU B 45 0.21 -9.40 -3.49
CA LEU B 45 1.47 -8.93 -3.99
C LEU B 45 2.22 -9.86 -4.95
N GLU B 46 2.87 -9.26 -5.92
CA GLU B 46 3.50 -10.13 -7.04
C GLU B 46 4.76 -9.43 -7.50
N TRP B 47 5.99 -10.01 -7.32
CA TRP B 47 7.23 -9.56 -7.87
C TRP B 47 7.18 -9.57 -9.42
N VAL B 48 7.52 -8.44 -10.06
CA VAL B 48 7.43 -8.54 -11.50
C VAL B 48 8.67 -8.16 -12.28
N ALA B 49 9.75 -7.51 -11.74
CA ALA B 49 10.93 -7.42 -12.56
C ALA B 49 12.17 -7.22 -11.59
N THR B 50 13.28 -7.71 -11.96
CA THR B 50 14.66 -7.31 -11.38
C THR B 50 15.66 -6.91 -12.42
N ILE B 51 16.35 -5.79 -12.26
CA ILE B 51 17.48 -5.42 -13.08
C ILE B 51 18.84 -5.54 -12.26
N SER B 52 19.79 -6.14 -12.90
CA SER B 52 21.21 -6.34 -12.33
C SER B 52 21.89 -4.90 -12.07
N ARG B 53 22.87 -4.85 -11.13
CA ARG B 53 23.61 -3.60 -10.98
C ARG B 53 24.07 -2.80 -12.21
N SER B 54 24.70 -3.47 -13.19
CA SER B 54 25.22 -2.67 -14.32
C SER B 54 23.98 -2.22 -15.13
N GLY B 55 22.89 -2.88 -14.95
CA GLY B 55 21.72 -2.69 -15.94
C GLY B 55 21.85 -3.64 -17.18
N SER B 56 22.78 -4.58 -17.20
CA SER B 56 22.97 -5.48 -18.44
C SER B 56 22.02 -6.66 -18.40
N TYR B 57 21.61 -7.13 -17.21
CA TYR B 57 20.80 -8.38 -17.09
C TYR B 57 19.49 -8.11 -16.35
N SER B 58 18.38 -8.81 -16.74
CA SER B 58 17.14 -8.69 -16.05
C SER B 58 16.40 -10.01 -15.88
N TYR B 59 15.48 -10.02 -14.89
CA TYR B 59 14.79 -11.22 -14.59
C TYR B 59 13.34 -10.78 -14.67
N PHE B 60 12.43 -11.70 -14.99
CA PHE B 60 10.95 -11.51 -14.94
C PHE B 60 10.15 -12.80 -14.76
N PRO B 61 8.97 -12.77 -14.09
CA PRO B 61 8.32 -14.01 -13.91
C PRO B 61 7.49 -14.25 -15.20
N ASP B 62 7.04 -15.46 -15.32
CA ASP B 62 6.32 -15.86 -16.57
C ASP B 62 5.14 -14.92 -16.84
N SER B 63 4.48 -14.44 -15.80
CA SER B 63 3.29 -13.60 -16.09
C SER B 63 3.56 -12.31 -16.90
N VAL B 64 4.78 -11.79 -16.89
CA VAL B 64 5.06 -10.57 -17.57
C VAL B 64 6.14 -10.73 -18.60
N GLN B 65 6.73 -11.92 -18.65
CA GLN B 65 7.98 -12.12 -19.34
C GLN B 65 7.61 -11.99 -20.83
N GLY B 66 8.45 -11.29 -21.59
CA GLY B 66 8.22 -10.96 -22.99
C GLY B 66 7.27 -9.79 -23.22
N ARG B 67 6.59 -9.27 -22.24
CA ARG B 67 5.84 -8.06 -22.39
C ARG B 67 6.46 -6.87 -21.81
N PHE B 68 7.20 -7.07 -20.68
CA PHE B 68 7.89 -6.02 -19.97
C PHE B 68 9.41 -6.06 -20.25
N THR B 69 10.04 -4.89 -20.21
CA THR B 69 11.48 -4.69 -20.34
C THR B 69 11.86 -3.63 -19.30
N ILE B 70 13.14 -3.73 -18.87
CA ILE B 70 13.65 -2.83 -17.85
C ILE B 70 15.03 -2.27 -18.20
N SER B 71 15.34 -1.06 -17.72
CA SER B 71 16.65 -0.38 -17.99
C SER B 71 16.93 0.54 -16.86
N ARG B 72 18.21 0.90 -16.65
CA ARG B 72 18.49 1.86 -15.56
C ARG B 72 19.54 2.78 -16.03
N ASP B 73 19.73 3.87 -15.28
CA ASP B 73 20.70 4.85 -15.65
C ASP B 73 21.46 5.17 -14.41
N ASN B 74 22.69 4.61 -14.26
CA ASN B 74 23.41 4.83 -13.02
C ASN B 74 23.99 6.21 -12.81
N ALA B 75 24.17 7.02 -13.83
CA ALA B 75 24.57 8.39 -13.64
C ALA B 75 23.40 9.24 -13.08
N LYS B 76 22.18 8.77 -13.25
CA LYS B 76 21.02 9.53 -12.83
C LYS B 76 20.30 8.90 -11.63
N ASN B 77 20.79 7.74 -11.11
CA ASN B 77 20.12 7.07 -10.07
C ASN B 77 18.64 6.73 -10.39
N SER B 78 18.33 6.39 -11.67
CA SER B 78 16.94 6.09 -12.03
CA SER B 78 16.94 6.09 -12.00
C SER B 78 16.85 4.76 -12.71
N LEU B 79 15.66 4.19 -12.68
CA LEU B 79 15.41 3.01 -13.51
C LEU B 79 13.92 3.18 -14.12
N TYR B 80 13.66 2.42 -15.18
CA TYR B 80 12.40 2.54 -15.96
C TYR B 80 11.83 1.13 -16.26
N LEU B 81 10.51 0.88 -16.05
CA LEU B 81 9.93 -0.43 -16.35
C LEU B 81 9.00 -0.11 -17.59
N GLN B 82 9.34 -0.67 -18.74
CA GLN B 82 8.53 -0.42 -19.98
C GLN B 82 7.55 -1.63 -19.98
N MET B 83 6.26 -1.37 -19.92
CA MET B 83 5.19 -2.40 -19.97
C MET B 83 4.48 -2.35 -21.36
N ASN B 84 4.44 -3.47 -22.03
CA ASN B 84 3.75 -3.50 -23.32
C ASN B 84 2.69 -4.53 -23.23
N SER B 85 1.76 -4.58 -24.26
CA SER B 85 0.76 -5.57 -24.15
C SER B 85 -0.04 -5.73 -22.93
N LEU B 86 -0.41 -4.59 -22.38
CA LEU B 86 -1.13 -4.53 -21.17
C LEU B 86 -2.48 -5.13 -21.20
N ARG B 87 -2.86 -5.80 -20.11
CA ARG B 87 -4.08 -6.57 -20.08
C ARG B 87 -4.78 -6.09 -18.83
N ALA B 88 -6.05 -6.38 -18.66
CA ALA B 88 -6.89 -5.97 -17.47
C ALA B 88 -6.11 -6.37 -16.16
N GLU B 89 -5.52 -7.54 -16.20
CA GLU B 89 -5.03 -8.12 -14.92
C GLU B 89 -3.73 -7.43 -14.60
N ASP B 90 -3.13 -6.55 -15.42
CA ASP B 90 -1.86 -5.80 -14.92
C ASP B 90 -2.23 -4.57 -14.06
N THR B 91 -3.53 -4.25 -13.82
CA THR B 91 -4.04 -3.16 -12.92
C THR B 91 -3.48 -3.49 -11.47
N ALA B 92 -2.84 -2.51 -10.95
CA ALA B 92 -2.11 -2.75 -9.65
C ALA B 92 -1.47 -1.42 -9.40
N VAL B 93 -1.11 -1.25 -8.13
CA VAL B 93 -0.06 -0.33 -7.71
C VAL B 93 1.31 -0.94 -7.87
N TYR B 94 2.25 -0.23 -8.54
CA TYR B 94 3.59 -0.73 -8.83
C TYR B 94 4.53 -0.02 -7.91
N TYR B 95 5.30 -0.83 -7.15
CA TYR B 95 6.28 -0.27 -6.25
C TYR B 95 7.73 -0.64 -6.63
N CYS B 96 8.65 0.32 -6.48
CA CYS B 96 10.07 0.11 -6.74
C CYS B 96 10.65 -0.33 -5.40
N ALA B 97 11.61 -1.26 -5.46
CA ALA B 97 12.36 -1.68 -4.22
C ALA B 97 13.78 -1.97 -4.53
N ARG B 98 14.55 -1.95 -3.45
CA ARG B 98 16.00 -2.18 -3.57
C ARG B 98 16.26 -3.68 -3.10
N LEU B 99 17.00 -4.45 -3.88
CA LEU B 99 17.35 -5.84 -3.54
C LEU B 99 18.53 -5.72 -2.56
N GLY B 100 18.24 -6.10 -1.36
CA GLY B 100 19.14 -5.56 -0.26
C GLY B 100 20.41 -6.32 -0.11
N GLY B 101 20.66 -7.34 -0.89
CA GLY B 101 22.03 -7.98 -0.77
C GLY B 101 22.04 -9.30 0.01
N TYR B 102 23.14 -10.04 -0.21
CA TYR B 102 23.25 -11.37 0.34
C TYR B 102 23.22 -11.29 1.92
N ASP B 103 23.82 -10.26 2.46
CA ASP B 103 23.84 -10.10 3.97
C ASP B 103 22.50 -9.76 4.54
N GLU B 104 21.56 -9.31 3.65
CA GLU B 104 20.20 -9.09 4.00
C GLU B 104 19.22 -10.17 3.44
N GLY B 105 19.70 -11.41 3.25
CA GLY B 105 18.98 -12.59 2.82
C GLY B 105 18.28 -12.30 1.42
N ASP B 106 18.95 -11.48 0.64
CA ASP B 106 18.31 -11.05 -0.76
C ASP B 106 16.96 -10.41 -0.58
N ALA B 107 16.53 -9.83 0.61
CA ALA B 107 15.20 -9.27 0.83
C ALA B 107 15.04 -7.96 0.06
N MET B 108 13.88 -7.73 -0.60
CA MET B 108 13.66 -6.41 -0.94
C MET B 108 13.33 -5.40 0.10
N ASP B 109 13.97 -4.22 0.03
CA ASP B 109 13.58 -3.20 1.06
C ASP B 109 13.44 -1.78 0.49
N SER B 110 13.01 -0.85 1.34
CA SER B 110 12.88 0.56 1.09
C SER B 110 11.82 0.80 -0.09
N TRP B 111 10.81 0.03 -0.09
CA TRP B 111 9.72 0.26 -1.21
C TRP B 111 9.30 1.66 -1.18
N GLY B 112 9.22 2.23 -2.38
CA GLY B 112 8.57 3.48 -2.59
C GLY B 112 7.07 3.42 -2.32
N GLN B 113 6.46 4.55 -2.49
CA GLN B 113 5.05 4.73 -2.09
C GLN B 113 4.10 4.16 -3.22
N GLY B 114 4.66 4.08 -4.40
CA GLY B 114 4.11 3.31 -5.50
C GLY B 114 3.32 4.23 -6.50
N THR B 115 3.17 3.74 -7.74
CA THR B 115 2.35 4.50 -8.80
C THR B 115 1.27 3.58 -9.33
N THR B 116 0.08 4.12 -9.69
CA THR B 116 -1.06 3.20 -9.89
C THR B 116 -1.34 3.13 -11.40
N VAL B 117 -1.43 1.90 -11.89
CA VAL B 117 -1.59 1.59 -13.31
C VAL B 117 -3.02 1.02 -13.53
N THR B 118 -3.80 1.61 -14.47
CA THR B 118 -5.12 1.10 -14.67
C THR B 118 -5.32 0.75 -16.16
N VAL B 119 -5.59 -0.50 -16.42
CA VAL B 119 -5.74 -0.94 -17.81
C VAL B 119 -7.22 -1.04 -18.10
N SER B 120 -7.82 -0.08 -18.88
CA SER B 120 -9.26 -0.16 -19.04
C SER B 120 -9.60 0.52 -20.37
N SER B 121 -10.76 0.11 -20.94
CA SER B 121 -11.26 0.78 -22.16
C SER B 121 -11.94 2.09 -21.93
N ALA B 122 -12.20 2.42 -20.68
CA ALA B 122 -12.87 3.67 -20.38
C ALA B 122 -11.99 4.93 -20.49
N SER B 123 -12.64 6.08 -20.67
CA SER B 123 -11.99 7.39 -20.62
C SER B 123 -11.73 7.86 -19.19
N THR B 124 -10.70 8.71 -19.00
CA THR B 124 -10.51 9.37 -17.71
C THR B 124 -11.58 10.41 -17.52
N LYS B 125 -11.83 10.72 -16.26
CA LYS B 125 -12.72 11.86 -15.98
C LYS B 125 -12.20 12.49 -14.71
N GLY B 126 -11.96 13.80 -14.73
CA GLY B 126 -11.46 14.49 -13.52
C GLY B 126 -12.54 14.65 -12.44
N PRO B 127 -12.19 14.79 -11.14
CA PRO B 127 -13.31 14.92 -10.19
C PRO B 127 -14.03 16.32 -10.18
N SER B 128 -15.22 16.37 -9.57
CA SER B 128 -15.81 17.62 -9.01
C SER B 128 -15.42 17.63 -7.52
N VAL B 129 -15.17 18.81 -6.97
CA VAL B 129 -14.83 18.91 -5.54
C VAL B 129 -15.87 19.83 -4.87
N PHE B 130 -16.68 19.23 -4.00
CA PHE B 130 -17.80 19.98 -3.33
C PHE B 130 -17.40 20.10 -1.86
N PRO B 131 -17.78 21.19 -1.18
CA PRO B 131 -17.46 21.35 0.25
C PRO B 131 -18.38 20.49 1.14
N LEU B 132 -17.83 19.98 2.22
CA LEU B 132 -18.61 19.49 3.32
C LEU B 132 -18.53 20.52 4.42
N ALA B 133 -19.65 21.18 4.69
CA ALA B 133 -19.74 22.21 5.75
C ALA B 133 -21.09 21.95 6.40
N PRO B 134 -21.18 22.03 7.77
CA PRO B 134 -22.39 21.97 8.64
C PRO B 134 -23.48 22.96 8.20
N CYS B 135 -24.75 22.54 8.24
CA CYS B 135 -25.91 23.36 7.75
C CYS B 135 -25.90 24.67 8.51
N SER B 136 -25.49 24.60 9.77
CA SER B 136 -25.18 25.76 10.60
C SER B 136 -24.50 25.16 11.81
N ARG B 137 -23.80 25.96 12.59
CA ARG B 137 -22.95 25.39 13.64
C ARG B 137 -23.52 25.50 15.06
N SER B 138 -23.62 24.33 15.70
CA SER B 138 -23.99 24.20 17.10
C SER B 138 -23.08 25.03 18.01
N THR B 139 -23.66 26.09 18.57
CA THR B 139 -23.00 26.94 19.55
C THR B 139 -23.41 26.50 20.97
N SER B 140 -22.45 26.24 21.87
CA SER B 140 -21.01 26.36 21.62
C SER B 140 -20.37 24.97 21.68
N GLU B 141 -19.49 24.72 20.72
CA GLU B 141 -18.90 23.39 20.51
C GLU B 141 -17.38 23.37 20.60
N SER B 142 -16.84 22.31 21.17
CA SER B 142 -15.39 22.14 21.24
C SER B 142 -14.83 22.05 19.83
N THR B 143 -15.26 21.03 19.09
CA THR B 143 -14.66 20.69 17.80
C THR B 143 -15.67 20.68 16.67
N ALA B 144 -15.25 21.21 15.53
CA ALA B 144 -16.08 21.27 14.32
C ALA B 144 -15.45 20.40 13.22
N ALA B 145 -16.25 19.77 12.38
CA ALA B 145 -15.70 19.01 11.26
C ALA B 145 -15.93 19.77 9.95
N LEU B 146 -14.98 19.70 9.04
CA LEU B 146 -15.12 20.21 7.67
C LEU B 146 -14.59 19.16 6.75
N GLY B 147 -14.89 19.24 5.45
CA GLY B 147 -14.31 18.25 4.57
C GLY B 147 -14.52 18.62 3.13
N CYS B 148 -14.13 17.71 2.25
CA CYS B 148 -14.34 17.83 0.81
CA CYS B 148 -14.47 17.86 0.85
C CYS B 148 -14.89 16.54 0.25
N LEU B 149 -15.87 16.64 -0.64
CA LEU B 149 -16.40 15.50 -1.30
C LEU B 149 -15.86 15.52 -2.75
N VAL B 150 -15.00 14.54 -3.04
CA VAL B 150 -14.35 14.46 -4.36
C VAL B 150 -15.11 13.47 -5.18
N LYS B 151 -16.00 13.96 -6.06
CA LYS B 151 -17.02 13.12 -6.70
C LYS B 151 -16.76 12.88 -8.24
N ASP B 152 -17.14 11.68 -8.69
CA ASP B 152 -17.29 11.35 -10.11
C ASP B 152 -16.07 11.41 -11.00
N TYR B 153 -14.99 10.76 -10.53
CA TYR B 153 -13.75 10.68 -11.30
C TYR B 153 -13.36 9.21 -11.65
N PHE B 154 -12.48 9.10 -12.61
CA PHE B 154 -11.96 7.82 -13.08
C PHE B 154 -10.68 8.00 -13.91
N PRO B 155 -9.65 7.11 -13.71
CA PRO B 155 -9.60 6.03 -12.72
C PRO B 155 -9.19 6.48 -11.32
N GLU B 156 -9.08 5.53 -10.37
CA GLU B 156 -8.26 5.73 -9.18
C GLU B 156 -6.78 6.02 -9.56
N PRO B 157 -6.03 6.75 -8.72
CA PRO B 157 -6.36 7.22 -7.40
C PRO B 157 -6.48 8.76 -7.38
N VAL B 158 -6.88 9.26 -6.21
CA VAL B 158 -6.89 10.69 -5.95
C VAL B 158 -6.14 10.88 -4.68
N THR B 159 -5.30 11.90 -4.61
CA THR B 159 -4.61 12.26 -3.35
C THR B 159 -5.22 13.53 -2.74
N VAL B 160 -5.36 13.60 -1.42
CA VAL B 160 -5.89 14.84 -0.83
C VAL B 160 -4.95 15.23 0.31
N SER B 161 -4.47 16.46 0.32
CA SER B 161 -3.97 17.05 1.55
C SER B 161 -4.87 18.28 1.93
N TRP B 162 -4.53 18.83 3.08
CA TRP B 162 -5.07 20.06 3.68
C TRP B 162 -4.02 21.05 4.00
N ASN B 163 -4.28 22.27 3.56
CA ASN B 163 -3.38 23.40 3.78
C ASN B 163 -1.97 23.12 3.25
N SER B 164 -1.91 22.49 2.07
CA SER B 164 -0.70 22.07 1.38
C SER B 164 0.13 21.12 2.27
N GLY B 165 -0.53 20.32 3.08
CA GLY B 165 0.23 19.39 3.90
C GLY B 165 0.57 19.96 5.26
N ALA B 166 0.32 21.26 5.50
CA ALA B 166 0.53 21.84 6.85
C ALA B 166 -0.44 21.33 7.92
N LEU B 167 -1.64 20.90 7.51
CA LEU B 167 -2.60 20.33 8.47
C LEU B 167 -2.70 18.83 8.26
N THR B 168 -2.37 18.07 9.30
CA THR B 168 -2.37 16.60 9.18
C THR B 168 -3.12 16.03 10.36
N SER B 169 -3.13 16.71 11.50
CA SER B 169 -3.76 16.16 12.69
C SER B 169 -5.26 16.23 12.54
N GLY B 170 -5.99 15.12 12.68
CA GLY B 170 -7.47 15.16 12.66
C GLY B 170 -8.01 14.91 11.26
N VAL B 171 -7.11 14.76 10.28
CA VAL B 171 -7.55 14.44 8.92
C VAL B 171 -7.88 12.96 8.84
N HIS B 172 -8.99 12.65 8.15
CA HIS B 172 -9.31 11.29 7.70
C HIS B 172 -9.65 11.42 6.26
N THR B 173 -8.82 10.81 5.43
CA THR B 173 -9.14 10.61 4.02
C THR B 173 -9.64 9.20 3.74
N PHE B 174 -10.89 9.08 3.28
CA PHE B 174 -11.55 7.75 3.28
C PHE B 174 -11.26 7.06 1.95
N PRO B 175 -11.30 5.70 1.93
CA PRO B 175 -11.24 4.97 0.67
C PRO B 175 -12.43 5.34 -0.21
N ALA B 176 -12.22 5.35 -1.52
CA ALA B 176 -13.26 5.78 -2.49
C ALA B 176 -14.25 4.64 -2.59
N VAL B 177 -15.49 4.96 -2.96
CA VAL B 177 -16.47 3.93 -3.17
C VAL B 177 -16.65 4.01 -4.68
N LEU B 178 -16.82 2.86 -5.33
CA LEU B 178 -17.21 2.85 -6.73
C LEU B 178 -18.72 2.88 -6.84
N GLN B 179 -19.23 3.76 -7.69
CA GLN B 179 -20.68 4.00 -7.84
C GLN B 179 -21.21 3.26 -9.05
N SER B 180 -22.55 3.10 -9.11
CA SER B 180 -23.20 2.44 -10.22
CA SER B 180 -23.22 2.46 -10.23
C SER B 180 -22.83 3.08 -11.57
N SER B 181 -22.47 4.36 -11.58
CA SER B 181 -22.11 4.99 -12.86
C SER B 181 -20.79 4.45 -13.46
N GLY B 182 -20.05 3.71 -12.64
CA GLY B 182 -18.69 3.27 -12.96
C GLY B 182 -17.66 4.36 -12.62
N LEU B 183 -18.10 5.41 -11.94
CA LEU B 183 -17.20 6.46 -11.45
C LEU B 183 -16.99 6.34 -9.92
N TYR B 184 -15.83 6.82 -9.46
CA TYR B 184 -15.48 6.85 -8.06
C TYR B 184 -15.87 8.13 -7.38
N SER B 185 -15.99 8.03 -6.06
CA SER B 185 -16.26 9.16 -5.24
C SER B 185 -15.64 8.97 -3.89
N LEU B 186 -14.97 10.00 -3.38
CA LEU B 186 -14.32 9.92 -2.11
C LEU B 186 -14.54 11.16 -1.21
N SER B 187 -14.48 10.99 0.11
CA SER B 187 -14.54 12.16 0.98
CA SER B 187 -14.58 12.12 1.01
C SER B 187 -13.27 12.27 1.79
N SER B 188 -12.90 13.52 2.11
CA SER B 188 -11.77 13.70 3.04
C SER B 188 -12.27 14.71 4.09
N VAL B 189 -12.02 14.45 5.37
CA VAL B 189 -12.49 15.35 6.43
C VAL B 189 -11.42 15.75 7.43
N VAL B 190 -11.64 16.89 8.07
CA VAL B 190 -10.80 17.23 9.23
C VAL B 190 -11.67 17.80 10.35
N THR B 191 -11.26 17.49 11.57
CA THR B 191 -11.89 18.06 12.75
C THR B 191 -10.93 19.09 13.34
N VAL B 192 -11.48 20.24 13.72
CA VAL B 192 -10.68 21.40 14.14
C VAL B 192 -11.33 21.99 15.38
N PRO B 193 -10.65 22.95 16.05
CA PRO B 193 -11.31 23.65 17.17
C PRO B 193 -12.30 24.67 16.62
N SER B 194 -13.57 24.56 17.02
CA SER B 194 -14.62 25.50 16.59
C SER B 194 -14.19 26.97 16.73
N SER B 195 -13.45 27.28 17.80
CA SER B 195 -12.93 28.64 18.00
C SER B 195 -11.93 29.07 16.92
N SER B 196 -11.48 28.16 16.06
CA SER B 196 -10.48 28.51 15.03
C SER B 196 -11.12 28.93 13.71
N LEU B 197 -12.38 28.55 13.55
CA LEU B 197 -13.13 28.78 12.32
C LEU B 197 -13.15 30.24 11.81
N GLY B 198 -12.96 31.21 12.71
CA GLY B 198 -12.93 32.62 12.32
C GLY B 198 -11.52 33.15 12.16
N THR B 199 -10.54 32.29 12.38
CA THR B 199 -9.15 32.70 12.36
C THR B 199 -8.32 31.97 11.27
N LYS B 200 -8.48 30.65 11.12
CA LYS B 200 -7.71 29.91 10.11
C LYS B 200 -8.57 29.65 8.88
N THR B 201 -7.96 29.60 7.70
CA THR B 201 -8.62 29.04 6.50
C THR B 201 -8.28 27.54 6.33
N TYR B 202 -9.22 26.78 5.77
CA TYR B 202 -9.08 25.35 5.58
C TYR B 202 -9.33 25.09 4.14
N THR B 203 -8.33 24.52 3.47
CA THR B 203 -8.34 24.25 2.06
C THR B 203 -7.88 22.84 1.77
N CYS B 204 -8.73 22.10 1.07
CA CYS B 204 -8.35 20.77 0.61
CA CYS B 204 -8.28 20.79 0.63
C CYS B 204 -7.69 20.85 -0.77
N ASN B 205 -6.53 20.19 -0.88
CA ASN B 205 -5.76 20.16 -2.14
C ASN B 205 -5.97 18.79 -2.77
N VAL B 206 -6.58 18.77 -3.94
CA VAL B 206 -6.93 17.49 -4.51
C VAL B 206 -6.13 17.25 -5.76
N ASP B 207 -5.52 16.06 -5.84
CA ASP B 207 -4.74 15.72 -7.03
C ASP B 207 -5.30 14.50 -7.73
N HIS B 208 -5.69 14.66 -9.00
CA HIS B 208 -6.11 13.51 -9.82
C HIS B 208 -5.21 13.39 -11.01
N LYS B 209 -4.08 12.68 -10.81
CA LYS B 209 -3.05 12.62 -11.88
C LYS B 209 -3.45 11.96 -13.17
N PRO B 210 -4.27 10.87 -13.13
CA PRO B 210 -4.62 10.34 -14.42
C PRO B 210 -5.26 11.35 -15.32
N SER B 211 -5.98 12.36 -14.81
CA SER B 211 -6.61 13.39 -15.73
C SER B 211 -5.86 14.72 -15.63
N ASN B 212 -4.73 14.72 -14.93
CA ASN B 212 -3.95 15.93 -14.79
C ASN B 212 -4.84 17.11 -14.22
N THR B 213 -5.70 16.82 -13.21
CA THR B 213 -6.53 17.80 -12.47
C THR B 213 -5.98 18.01 -11.06
N LYS B 214 -5.66 19.25 -10.67
CA LYS B 214 -5.41 19.63 -9.30
C LYS B 214 -6.44 20.69 -8.89
N VAL B 215 -6.91 20.60 -7.66
CA VAL B 215 -7.90 21.53 -7.22
C VAL B 215 -7.63 21.94 -5.81
N ASP B 216 -7.67 23.25 -5.54
CA ASP B 216 -7.59 23.79 -4.18
C ASP B 216 -9.00 24.29 -3.87
N LYS B 217 -9.68 23.70 -2.89
CA LYS B 217 -11.07 24.06 -2.55
C LYS B 217 -11.01 24.58 -1.13
N ARG B 218 -11.19 25.88 -0.98
CA ARG B 218 -11.28 26.45 0.37
C ARG B 218 -12.68 26.16 0.86
N VAL B 219 -12.79 25.69 2.10
CA VAL B 219 -14.07 25.30 2.69
C VAL B 219 -14.38 26.22 3.90
N GLU B 220 -15.45 26.99 3.79
CA GLU B 220 -15.75 27.99 4.79
C GLU B 220 -16.97 27.54 5.60
N SER B 221 -16.96 27.87 6.88
CA SER B 221 -18.06 27.54 7.77
C SER B 221 -18.72 28.82 8.29
N GLU C 2 46.20 -13.24 -5.62
CA GLU C 2 45.64 -13.43 -6.98
C GLU C 2 44.45 -14.34 -6.93
N LYS C 3 43.49 -14.04 -7.78
CA LYS C 3 42.35 -14.92 -7.92
C LYS C 3 42.10 -14.97 -9.42
N PRO C 4 41.35 -15.96 -9.88
CA PRO C 4 41.04 -15.98 -11.30
C PRO C 4 40.33 -14.65 -11.74
N ASP C 5 40.61 -14.23 -12.95
CA ASP C 5 39.95 -13.05 -13.57
C ASP C 5 38.43 -13.04 -13.61
N PHE C 6 37.82 -14.21 -13.74
CA PHE C 6 36.41 -14.27 -13.87
C PHE C 6 35.84 -13.93 -12.49
N CYS C 7 36.61 -14.05 -11.42
CA CYS C 7 35.96 -13.56 -10.15
C CYS C 7 35.46 -12.08 -10.17
N PHE C 8 35.97 -11.24 -11.06
CA PHE C 8 35.68 -9.81 -11.08
C PHE C 8 34.46 -9.55 -12.07
N LEU C 9 33.87 -10.58 -12.60
CA LEU C 9 32.71 -10.37 -13.54
C LEU C 9 31.40 -10.29 -12.82
N GLU C 10 30.55 -9.41 -13.28
CA GLU C 10 29.17 -9.39 -12.82
C GLU C 10 28.54 -10.71 -13.05
N GLU C 11 27.81 -11.18 -12.06
CA GLU C 11 27.06 -12.50 -12.21
C GLU C 11 25.99 -12.42 -13.38
N ASP C 12 25.94 -13.46 -14.25
CA ASP C 12 25.25 -13.42 -15.58
C ASP C 12 24.34 -14.68 -15.59
N PRO C 13 23.02 -14.49 -15.66
CA PRO C 13 21.94 -15.54 -15.64
C PRO C 13 21.83 -16.28 -17.03
N GLY C 14 22.58 -15.81 -17.94
CA GLY C 14 22.69 -16.31 -19.39
C GLY C 14 21.34 -15.91 -20.05
N ILE C 15 20.94 -16.56 -21.14
CA ILE C 15 19.77 -16.10 -21.82
C ILE C 15 18.59 -17.07 -21.68
N CYS C 16 18.73 -18.11 -20.85
CA CYS C 16 17.67 -19.12 -20.59
C CYS C 16 16.99 -18.81 -19.24
N ARG C 17 15.94 -19.56 -18.94
CA ARG C 17 14.95 -19.25 -17.89
C ARG C 17 14.69 -20.48 -16.99
N GLY C 18 15.64 -21.43 -16.96
CA GLY C 18 15.55 -22.68 -16.23
C GLY C 18 16.29 -22.34 -14.92
N TYR C 19 15.76 -21.36 -14.22
CA TYR C 19 16.52 -20.73 -13.07
C TYR C 19 16.77 -21.70 -11.91
N ILE C 20 18.07 -21.82 -11.56
CA ILE C 20 18.61 -22.61 -10.43
C ILE C 20 19.60 -21.77 -9.55
N THR C 21 19.56 -21.99 -8.26
CA THR C 21 20.47 -21.24 -7.52
C THR C 21 22.00 -21.57 -7.83
N ARG C 22 22.82 -20.51 -7.93
CA ARG C 22 24.27 -20.66 -8.10
C ARG C 22 24.90 -19.59 -7.25
N TYR C 23 26.25 -19.63 -7.14
CA TYR C 23 26.99 -18.66 -6.25
C TYR C 23 28.04 -17.95 -7.07
N PHE C 24 28.26 -16.70 -6.78
CA PHE C 24 29.28 -15.92 -7.46
C PHE C 24 30.05 -15.04 -6.51
N TYR C 25 31.25 -14.64 -6.91
CA TYR C 25 32.00 -13.71 -6.06
C TYR C 25 31.67 -12.27 -6.33
N ASN C 26 31.32 -11.53 -5.28
CA ASN C 26 31.03 -10.13 -5.40
C ASN C 26 32.25 -9.33 -4.95
N ASN C 27 33.02 -8.82 -5.91
CA ASN C 27 34.20 -8.00 -5.44
C ASN C 27 33.89 -6.70 -4.65
N GLN C 28 32.73 -6.05 -4.88
CA GLN C 28 32.34 -4.86 -4.13
CA GLN C 28 32.41 -4.85 -4.15
C GLN C 28 32.15 -5.16 -2.68
N THR C 29 31.60 -6.30 -2.38
CA THR C 29 31.34 -6.66 -0.98
C THR C 29 32.47 -7.58 -0.43
N LYS C 30 33.33 -8.03 -1.34
CA LYS C 30 34.40 -8.98 -1.08
C LYS C 30 33.89 -10.33 -0.53
N GLN C 31 32.80 -10.83 -0.98
CA GLN C 31 32.44 -12.16 -0.51
C GLN C 31 31.72 -12.85 -1.63
N CYS C 32 31.53 -14.14 -1.48
CA CYS C 32 30.64 -14.98 -2.26
C CYS C 32 29.21 -14.77 -1.86
N GLU C 33 28.41 -14.74 -2.93
CA GLU C 33 27.03 -14.44 -2.70
C GLU C 33 26.14 -15.33 -3.64
N ARG C 34 24.79 -15.14 -3.62
CA ARG C 34 23.80 -16.01 -4.24
C ARG C 34 23.17 -15.27 -5.51
N PHE C 35 23.05 -16.03 -6.62
CA PHE C 35 22.18 -15.54 -7.79
C PHE C 35 21.38 -16.65 -8.46
N LYS C 36 20.42 -16.33 -9.39
CA LYS C 36 19.71 -17.35 -10.06
C LYS C 36 20.32 -17.37 -11.49
N TYR C 37 20.63 -18.55 -11.94
CA TYR C 37 21.26 -18.84 -13.23
C TYR C 37 20.22 -19.49 -14.10
N GLY C 38 20.09 -18.99 -15.33
CA GLY C 38 18.99 -19.64 -16.11
C GLY C 38 19.37 -20.94 -16.82
N GLY C 39 20.60 -21.45 -16.66
CA GLY C 39 20.94 -22.74 -17.12
C GLY C 39 21.84 -22.88 -18.37
N CYS C 40 22.01 -21.82 -19.16
CA CYS C 40 22.81 -21.89 -20.35
C CYS C 40 23.66 -20.60 -20.43
N LEU C 41 24.85 -20.70 -20.98
CA LEU C 41 25.81 -19.59 -21.25
C LEU C 41 26.17 -18.94 -19.94
N GLY C 42 26.19 -17.60 -19.94
CA GLY C 42 26.70 -16.78 -18.79
C GLY C 42 28.25 -16.84 -18.68
N ASN C 43 28.82 -16.85 -17.45
CA ASN C 43 30.31 -16.81 -17.31
C ASN C 43 30.83 -17.78 -16.20
N MET C 44 32.15 -17.75 -15.88
CA MET C 44 32.73 -18.75 -14.97
CA MET C 44 32.72 -18.75 -14.96
C MET C 44 32.63 -18.37 -13.47
N ASN C 45 32.16 -17.14 -13.21
CA ASN C 45 31.85 -16.61 -11.79
C ASN C 45 30.43 -17.19 -11.46
N ASN C 46 30.42 -18.53 -11.21
CA ASN C 46 29.21 -19.31 -11.27
C ASN C 46 29.55 -20.70 -10.72
N PHE C 47 29.17 -20.87 -9.44
CA PHE C 47 29.54 -22.04 -8.62
C PHE C 47 28.32 -22.75 -8.04
N GLU C 48 28.47 -24.05 -7.79
CA GLU C 48 27.35 -24.87 -7.39
CA GLU C 48 27.35 -24.83 -7.39
C GLU C 48 27.13 -24.67 -5.87
N THR C 49 28.24 -24.51 -5.12
CA THR C 49 28.19 -24.28 -3.69
C THR C 49 28.91 -22.96 -3.27
N LEU C 50 28.51 -22.47 -2.12
CA LEU C 50 29.23 -21.34 -1.53
C LEU C 50 30.68 -21.70 -1.28
N GLU C 51 30.92 -22.88 -0.69
CA GLU C 51 32.28 -23.38 -0.34
CA GLU C 51 32.29 -23.23 -0.31
C GLU C 51 33.22 -23.32 -1.55
N GLU C 52 32.71 -23.76 -2.71
CA GLU C 52 33.53 -23.73 -3.88
C GLU C 52 33.94 -22.30 -4.32
N CYS C 53 32.95 -21.40 -4.37
CA CYS C 53 33.17 -19.97 -4.65
C CYS C 53 34.27 -19.46 -3.69
N LYS C 54 34.02 -19.63 -2.39
CA LYS C 54 35.02 -19.25 -1.39
CA LYS C 54 35.02 -19.23 -1.39
C LYS C 54 36.43 -19.78 -1.68
N ASN C 55 36.59 -21.04 -2.12
CA ASN C 55 37.92 -21.59 -2.29
C ASN C 55 38.54 -21.15 -3.61
N ILE C 56 37.71 -20.68 -4.57
CA ILE C 56 38.30 -20.30 -5.84
C ILE C 56 38.49 -18.76 -5.89
N CYS C 57 37.51 -17.99 -5.40
CA CYS C 57 37.48 -16.48 -5.56
C CYS C 57 37.80 -15.68 -4.31
N GLU C 58 38.09 -16.39 -3.24
N GLU C 58 37.54 -16.17 -3.13
CA GLU C 58 38.90 -15.77 -2.20
CA GLU C 58 37.84 -15.27 -1.99
C GLU C 58 40.30 -16.33 -2.23
C GLU C 58 39.38 -15.07 -1.66
N ASP C 59 41.27 -15.41 -2.21
N ASP C 59 40.30 -16.03 -1.91
CA ASP C 59 42.73 -15.65 -2.15
CA ASP C 59 41.78 -15.64 -1.81
C ASP C 59 43.47 -16.34 -3.32
C ASP C 59 43.09 -16.56 -1.96
N GLY C 60 44.76 -16.67 -3.11
N GLY C 60 43.60 -16.86 -3.19
CA GLY C 60 45.68 -17.11 -4.18
CA GLY C 60 45.07 -17.23 -3.40
C GLY C 60 46.16 -18.56 -4.15
C GLY C 60 45.82 -18.57 -3.70
N HIS C 61 45.26 -19.47 -4.53
CA HIS C 61 45.61 -20.90 -4.61
C HIS C 61 46.15 -21.35 -5.95
#